data_4Y7G
#
_entry.id   4Y7G
#
_cell.length_a   98.180
_cell.length_b   98.180
_cell.length_c   127.340
_cell.angle_alpha   90.00
_cell.angle_beta   90.00
_cell.angle_gamma   90.00
#
_symmetry.space_group_name_H-M   'I 41'
#
loop_
_entity.id
_entity.type
_entity.pdbx_description
1 polymer 'Glucosyl-3-phosphoglycerate synthase'
2 non-polymer 'MANGANESE (II) ION'
3 non-polymer SN-GLYCEROL-3-PHOSPHATE
4 non-polymer "URIDINE-5'-DIPHOSPHATE-GLUCOSE"
5 water water
#
_entity_poly.entity_id   1
_entity_poly.type   'polypeptide(L)'
_entity_poly.pdbx_seq_one_letter_code
;GSGAMTASELVAGDLAGGRAPGALPLDTTWHRPGWTIGELEAAKAGRTISVVLPALNEEATIESVIDSISPLVDGLVDEL
IVLDSGSTDDTEIRAIASGARVVSREQALPEVPVRPGKGEALWRSLAATSGDIVVFIDSDLINPHPLFVPWLVGPLLTGE
GIQLVKSFYRRPLQVSDVTSGVCATGGGRVTELVARPLLAALRPELGCVLQPLSGEYAASRELLTSLPFAPGYGVEIGLL
IDTFDRLGLDAIAQVNLGVRAHRNRPLDELGAMSRQVIATLLSRCGIPDSGVGLTQFLPGGPDDSDYTRHTWPVSLVDRP
PMKVMRPR
;
_entity_poly.pdbx_strand_id   A
#
loop_
_chem_comp.id
_chem_comp.type
_chem_comp.name
_chem_comp.formula
G3P non-polymer SN-GLYCEROL-3-PHOSPHATE 'C3 H9 O6 P'
MN non-polymer 'MANGANESE (II) ION' 'Mn 2'
UPG non-polymer URIDINE-5'-DIPHOSPHATE-GLUCOSE 'C15 H24 N2 O17 P2'
#
# COMPACT_ATOMS: atom_id res chain seq x y z
N LEU A 24 10.83 6.46 19.93
CA LEU A 24 10.28 7.23 18.82
C LEU A 24 8.86 7.74 19.13
N PRO A 25 8.51 8.98 18.72
CA PRO A 25 7.18 9.56 18.96
C PRO A 25 6.12 8.81 18.17
N LEU A 26 6.64 7.89 17.37
CA LEU A 26 5.88 7.00 16.53
C LEU A 26 5.96 5.59 17.13
N ASP A 27 4.79 5.05 17.50
CA ASP A 27 4.70 3.69 18.00
C ASP A 27 5.39 2.70 17.08
N THR A 28 6.54 2.22 17.54
CA THR A 28 7.39 1.34 16.76
C THR A 28 7.63 0.01 17.45
N THR A 29 7.26 -1.08 16.78
CA THR A 29 7.54 -2.43 17.26
C THR A 29 8.85 -2.88 16.64
N TRP A 30 9.92 -2.85 17.43
CA TRP A 30 11.26 -3.09 16.93
C TRP A 30 11.65 -4.55 16.74
N HIS A 31 11.02 -5.43 17.50
CA HIS A 31 11.35 -6.86 17.42
C HIS A 31 10.11 -7.65 17.02
N ARG A 32 10.30 -8.95 16.83
CA ARG A 32 9.22 -9.85 16.46
C ARG A 32 8.03 -9.69 17.41
N PRO A 33 6.85 -9.30 16.88
CA PRO A 33 5.64 -9.20 17.70
C PRO A 33 5.31 -10.53 18.41
N GLY A 34 4.69 -10.47 19.58
CA GLY A 34 4.53 -11.65 20.40
C GLY A 34 3.13 -12.24 20.29
N TRP A 35 2.23 -11.49 19.69
CA TRP A 35 0.85 -11.94 19.53
C TRP A 35 0.77 -13.23 18.72
N THR A 36 -0.03 -14.20 19.16
CA THR A 36 -0.26 -15.42 18.38
C THR A 36 -1.47 -15.23 17.47
N ILE A 37 -1.57 -16.01 16.40
CA ILE A 37 -2.70 -15.92 15.47
C ILE A 37 -4.07 -16.07 16.15
N GLY A 38 -4.13 -16.94 17.14
CA GLY A 38 -5.36 -17.16 17.87
C GLY A 38 -5.77 -16.01 18.78
N GLU A 39 -4.79 -15.36 19.41
CA GLU A 39 -5.05 -14.14 20.17
C GLU A 39 -5.65 -13.05 19.29
N LEU A 40 -4.97 -12.81 18.17
CA LEU A 40 -5.34 -11.76 17.22
C LEU A 40 -6.76 -12.01 16.71
N GLU A 41 -7.05 -13.25 16.39
CA GLU A 41 -8.39 -13.62 15.95
C GLU A 41 -9.46 -13.30 17.00
N ALA A 42 -9.16 -13.62 18.26
CA ALA A 42 -10.06 -13.31 19.38
C ALA A 42 -10.33 -11.81 19.47
N ALA A 43 -9.26 -11.04 19.28
CA ALA A 43 -9.26 -9.57 19.37
C ALA A 43 -10.06 -8.90 18.26
N LYS A 44 -10.42 -9.63 17.22
CA LYS A 44 -11.16 -9.05 16.11
C LYS A 44 -12.46 -8.44 16.65
N ALA A 45 -13.14 -9.17 17.52
CA ALA A 45 -14.34 -8.64 18.16
C ALA A 45 -15.36 -8.12 17.17
N GLY A 46 -15.69 -8.94 16.17
CA GLY A 46 -16.69 -8.60 15.16
C GLY A 46 -16.15 -7.85 13.96
N ARG A 47 -14.98 -7.24 14.11
CA ARG A 47 -14.31 -6.60 12.98
C ARG A 47 -13.88 -7.65 11.93
N THR A 48 -13.98 -7.33 10.64
CA THR A 48 -13.45 -8.21 9.60
C THR A 48 -12.14 -7.68 9.01
N ILE A 49 -11.42 -8.55 8.32
CA ILE A 49 -10.11 -8.24 7.76
C ILE A 49 -10.10 -8.61 6.29
N SER A 50 -9.85 -7.64 5.42
CA SER A 50 -9.60 -7.93 4.02
C SER A 50 -8.13 -7.78 3.68
N VAL A 51 -7.66 -8.64 2.77
CA VAL A 51 -6.30 -8.54 2.24
C VAL A 51 -6.38 -8.31 0.72
N VAL A 52 -5.61 -7.32 0.28
CA VAL A 52 -5.53 -6.95 -1.12
C VAL A 52 -4.11 -7.08 -1.61
N LEU A 53 -3.96 -7.76 -2.74
CA LEU A 53 -2.67 -7.83 -3.41
C LEU A 53 -2.81 -7.11 -4.74
N PRO A 54 -2.25 -5.91 -4.86
CA PRO A 54 -2.30 -5.30 -6.20
C PRO A 54 -1.31 -5.99 -7.11
N ALA A 55 -1.61 -6.17 -8.38
CA ALA A 55 -0.66 -6.88 -9.21
C ALA A 55 -0.68 -6.41 -10.64
N LEU A 56 0.50 -6.06 -11.14
CA LEU A 56 0.68 -5.77 -12.54
C LEU A 56 1.87 -6.57 -13.03
N ASN A 57 1.60 -7.62 -13.80
CA ASN A 57 2.64 -8.49 -14.39
C ASN A 57 3.62 -9.10 -13.38
N GLU A 58 3.10 -9.75 -12.34
CA GLU A 58 3.93 -10.39 -11.33
C GLU A 58 3.80 -11.93 -11.33
N GLU A 59 3.77 -12.54 -12.50
CA GLU A 59 3.53 -13.99 -12.60
C GLU A 59 4.57 -14.83 -11.85
N ALA A 60 5.79 -14.32 -11.75
CA ALA A 60 6.87 -15.06 -11.10
C ALA A 60 6.71 -15.10 -9.60
N THR A 61 6.01 -14.14 -9.00
CA THR A 61 6.01 -14.03 -7.55
C THR A 61 4.63 -14.13 -6.92
N ILE A 62 3.59 -13.89 -7.72
CA ILE A 62 2.23 -13.81 -7.21
C ILE A 62 1.78 -15.05 -6.43
N GLU A 63 2.16 -16.24 -6.92
CA GLU A 63 1.72 -17.50 -6.29
C GLU A 63 2.32 -17.67 -4.91
N SER A 64 3.59 -17.40 -4.78
CA SER A 64 4.23 -17.41 -3.49
C SER A 64 3.59 -16.48 -2.44
N VAL A 65 3.21 -15.28 -2.88
CA VAL A 65 2.56 -14.30 -2.02
C VAL A 65 1.17 -14.76 -1.60
N ILE A 66 0.38 -15.21 -2.56
CA ILE A 66 -0.98 -15.67 -2.22
C ILE A 66 -0.87 -16.83 -1.23
N ASP A 67 0.02 -17.77 -1.54
CA ASP A 67 0.17 -18.95 -0.68
C ASP A 67 0.63 -18.57 0.72
N SER A 68 1.37 -17.47 0.88
CA SER A 68 1.83 -17.06 2.20
C SER A 68 0.66 -16.63 3.09
N ILE A 69 -0.48 -16.31 2.46
CA ILE A 69 -1.59 -15.68 3.17
C ILE A 69 -2.88 -16.50 3.17
N SER A 70 -3.08 -17.35 2.16
CA SER A 70 -4.36 -18.03 2.02
C SER A 70 -4.67 -18.97 3.18
N PRO A 71 -3.63 -19.46 3.89
CA PRO A 71 -3.95 -20.28 5.07
C PRO A 71 -4.69 -19.54 6.17
N LEU A 72 -4.71 -18.19 6.11
CA LEU A 72 -5.36 -17.38 7.14
C LEU A 72 -6.84 -17.20 6.83
N VAL A 73 -7.23 -17.52 5.60
CA VAL A 73 -8.58 -17.21 5.15
C VAL A 73 -9.58 -18.06 5.92
N ASP A 74 -10.72 -17.46 6.26
CA ASP A 74 -11.78 -18.07 7.07
C ASP A 74 -11.38 -18.14 8.52
N GLY A 75 -10.19 -17.62 8.84
CA GLY A 75 -9.76 -17.49 10.21
C GLY A 75 -9.51 -16.05 10.55
N LEU A 76 -8.24 -15.69 10.69
CA LEU A 76 -7.87 -14.32 10.96
C LEU A 76 -8.30 -13.41 9.82
N VAL A 77 -8.06 -13.88 8.60
CA VAL A 77 -8.42 -13.14 7.40
C VAL A 77 -9.77 -13.58 6.84
N ASP A 78 -10.69 -12.65 6.62
CA ASP A 78 -12.02 -13.00 6.15
C ASP A 78 -12.06 -13.00 4.62
N GLU A 79 -11.10 -12.33 4.01
CA GLU A 79 -11.16 -12.08 2.57
C GLU A 79 -9.76 -11.79 2.03
N LEU A 80 -9.43 -12.38 0.89
CA LEU A 80 -8.19 -12.10 0.20
C LEU A 80 -8.53 -11.87 -1.27
N ILE A 81 -8.10 -10.76 -1.86
CA ILE A 81 -8.26 -10.60 -3.30
C ILE A 81 -6.96 -10.18 -3.95
N VAL A 82 -6.86 -10.52 -5.22
CA VAL A 82 -5.83 -9.99 -6.08
C VAL A 82 -6.51 -8.94 -6.89
N LEU A 83 -6.01 -7.71 -6.82
CA LEU A 83 -6.51 -6.66 -7.67
C LEU A 83 -5.61 -6.62 -8.90
N ASP A 84 -6.09 -7.22 -10.00
CA ASP A 84 -5.26 -7.36 -11.17
C ASP A 84 -5.36 -6.03 -11.89
N SER A 85 -4.23 -5.42 -12.16
CA SER A 85 -4.19 -4.05 -12.60
C SER A 85 -3.85 -3.95 -14.09
N GLY A 86 -4.43 -4.84 -14.88
CA GLY A 86 -4.17 -4.84 -16.31
C GLY A 86 -3.08 -5.80 -16.76
N SER A 87 -2.85 -6.91 -16.04
CA SER A 87 -1.71 -7.77 -16.37
C SER A 87 -1.89 -8.39 -17.74
N THR A 88 -0.80 -8.55 -18.48
CA THR A 88 -0.86 -9.27 -19.74
C THR A 88 -0.01 -10.54 -19.71
N ASP A 89 0.56 -10.89 -18.55
CA ASP A 89 1.29 -12.16 -18.44
C ASP A 89 0.32 -13.20 -17.83
N ASP A 90 0.86 -14.21 -17.15
CA ASP A 90 0.03 -15.25 -16.54
C ASP A 90 -0.39 -14.98 -15.09
N THR A 91 -0.35 -13.72 -14.68
CA THR A 91 -0.64 -13.35 -13.28
C THR A 91 -2.01 -13.88 -12.86
N GLU A 92 -3.00 -13.65 -13.70
CA GLU A 92 -4.36 -13.93 -13.30
C GLU A 92 -4.64 -15.42 -13.20
N ILE A 93 -4.18 -16.16 -14.22
CA ILE A 93 -4.39 -17.61 -14.24
C ILE A 93 -3.64 -18.31 -13.11
N ARG A 94 -2.43 -17.85 -12.83
CA ARG A 94 -1.65 -18.41 -11.75
C ARG A 94 -2.22 -18.10 -10.40
N ALA A 95 -2.76 -16.88 -10.25
CA ALA A 95 -3.40 -16.48 -9.01
C ALA A 95 -4.68 -17.29 -8.78
N ILE A 96 -5.46 -17.47 -9.85
CA ILE A 96 -6.68 -18.28 -9.77
C ILE A 96 -6.35 -19.73 -9.37
N ALA A 97 -5.24 -20.25 -9.90
CA ALA A 97 -4.85 -21.64 -9.65
C ALA A 97 -4.32 -21.78 -8.25
N SER A 98 -4.05 -20.65 -7.61
CA SER A 98 -3.67 -20.65 -6.19
C SER A 98 -4.90 -20.38 -5.31
N GLY A 99 -6.08 -20.40 -5.90
CA GLY A 99 -7.29 -20.26 -5.11
C GLY A 99 -7.70 -18.84 -4.73
N ALA A 100 -7.05 -17.82 -5.29
CA ALA A 100 -7.36 -16.43 -4.98
C ALA A 100 -8.52 -15.90 -5.80
N ARG A 101 -9.37 -15.06 -5.19
CA ARG A 101 -10.31 -14.28 -5.98
C ARG A 101 -9.57 -13.17 -6.68
N VAL A 102 -9.66 -13.15 -8.00
CA VAL A 102 -9.00 -12.13 -8.79
C VAL A 102 -10.02 -11.11 -9.27
N VAL A 103 -9.74 -9.84 -9.04
CA VAL A 103 -10.66 -8.77 -9.42
C VAL A 103 -9.93 -7.76 -10.31
N SER A 104 -10.46 -7.56 -11.52
CA SER A 104 -9.91 -6.53 -12.40
C SER A 104 -10.25 -5.11 -11.93
N ARG A 105 -9.56 -4.10 -12.46
CA ARG A 105 -9.89 -2.71 -12.10
C ARG A 105 -11.31 -2.43 -12.50
N GLU A 106 -11.69 -2.95 -13.67
CA GLU A 106 -13.03 -2.75 -14.20
C GLU A 106 -14.10 -3.37 -13.30
N GLN A 107 -13.85 -4.56 -12.77
CA GLN A 107 -14.84 -5.23 -11.93
C GLN A 107 -15.01 -4.60 -10.56
N ALA A 108 -13.92 -4.11 -10.01
CA ALA A 108 -13.94 -3.43 -8.72
C ALA A 108 -14.90 -2.24 -8.70
N LEU A 109 -15.00 -1.54 -9.82
CA LEU A 109 -15.78 -0.33 -9.87
C LEU A 109 -16.16 0.02 -11.30
N PRO A 110 -17.17 -0.68 -11.83
CA PRO A 110 -17.40 -0.71 -13.28
C PRO A 110 -18.06 0.55 -13.82
N GLU A 111 -18.69 1.37 -12.97
CA GLU A 111 -19.32 2.61 -13.46
C GLU A 111 -18.33 3.69 -13.81
N VAL A 112 -17.09 3.48 -13.38
CA VAL A 112 -16.02 4.46 -13.49
C VAL A 112 -14.88 3.91 -14.35
N PRO A 113 -14.60 4.56 -15.49
CA PRO A 113 -13.52 4.12 -16.39
C PRO A 113 -12.18 4.01 -15.66
N VAL A 114 -11.30 3.10 -16.08
CA VAL A 114 -10.10 2.76 -15.35
C VAL A 114 -8.97 3.73 -15.72
N ARG A 115 -8.27 4.25 -14.72
CA ARG A 115 -7.03 4.97 -14.96
C ARG A 115 -5.83 4.10 -14.65
N PRO A 116 -4.69 4.40 -15.28
CA PRO A 116 -3.48 3.66 -14.96
C PRO A 116 -2.94 4.03 -13.58
N GLY A 117 -2.19 3.10 -13.02
CA GLY A 117 -1.33 3.32 -11.86
C GLY A 117 -1.78 2.56 -10.64
N LYS A 118 -0.85 2.44 -9.68
CA LYS A 118 -1.10 1.67 -8.49
C LYS A 118 -2.22 2.27 -7.65
N GLY A 119 -2.21 3.60 -7.49
CA GLY A 119 -3.16 4.27 -6.61
C GLY A 119 -4.56 3.97 -7.07
N GLU A 120 -4.76 3.88 -8.39
CA GLU A 120 -6.08 3.56 -8.91
C GLU A 120 -6.52 2.19 -8.44
N ALA A 121 -5.59 1.24 -8.49
CA ALA A 121 -5.87 -0.14 -8.15
C ALA A 121 -6.27 -0.26 -6.69
N LEU A 122 -5.51 0.39 -5.82
CA LEU A 122 -5.80 0.35 -4.40
C LEU A 122 -7.12 1.04 -4.07
N TRP A 123 -7.40 2.15 -4.73
CA TRP A 123 -8.63 2.88 -4.45
C TRP A 123 -9.80 2.02 -4.83
N ARG A 124 -9.76 1.50 -6.05
CA ARG A 124 -10.79 0.57 -6.55
C ARG A 124 -10.98 -0.65 -5.63
N SER A 125 -9.89 -1.17 -5.08
CA SER A 125 -9.95 -2.32 -4.17
C SER A 125 -10.85 -2.05 -2.97
N LEU A 126 -11.03 -0.79 -2.58
CA LEU A 126 -11.97 -0.47 -1.49
C LEU A 126 -13.40 -0.83 -1.85
N ALA A 127 -13.74 -0.73 -3.14
CA ALA A 127 -15.07 -1.07 -3.61
C ALA A 127 -15.25 -2.58 -3.77
N ALA A 128 -14.15 -3.34 -3.73
CA ALA A 128 -14.22 -4.78 -3.99
C ALA A 128 -14.00 -5.56 -2.69
N THR A 129 -13.86 -4.85 -1.59
CA THR A 129 -13.67 -5.48 -0.29
C THR A 129 -14.68 -4.90 0.68
N SER A 130 -14.83 -5.53 1.83
CA SER A 130 -15.74 -5.09 2.87
C SER A 130 -15.17 -5.25 4.27
N GLY A 131 -13.89 -5.62 4.40
CA GLY A 131 -13.29 -5.71 5.71
C GLY A 131 -13.28 -4.37 6.43
N ASP A 132 -13.48 -4.38 7.74
CA ASP A 132 -13.31 -3.19 8.57
C ASP A 132 -11.85 -2.81 8.54
N ILE A 133 -11.01 -3.81 8.31
CA ILE A 133 -9.58 -3.59 8.19
C ILE A 133 -9.17 -4.07 6.82
N VAL A 134 -8.32 -3.30 6.17
CA VAL A 134 -7.80 -3.63 4.86
C VAL A 134 -6.30 -3.69 4.97
N VAL A 135 -5.73 -4.77 4.44
CA VAL A 135 -4.29 -4.95 4.43
C VAL A 135 -3.77 -4.96 2.99
N PHE A 136 -2.72 -4.20 2.71
CA PHE A 136 -2.10 -4.23 1.39
C PHE A 136 -0.77 -4.97 1.44
N ILE A 137 -0.53 -5.86 0.49
CA ILE A 137 0.76 -6.55 0.35
C ILE A 137 1.19 -6.58 -1.10
N ASP A 138 2.40 -6.13 -1.43
CA ASP A 138 2.80 -6.15 -2.83
C ASP A 138 2.92 -7.58 -3.31
N SER A 139 2.60 -7.80 -4.57
CA SER A 139 2.58 -9.13 -5.15
C SER A 139 3.92 -9.48 -5.82
N ASP A 140 4.88 -8.55 -5.76
CA ASP A 140 6.22 -8.79 -6.32
C ASP A 140 7.25 -9.19 -5.26
N LEU A 141 6.78 -9.49 -4.06
CA LEU A 141 7.69 -9.87 -2.97
C LEU A 141 8.31 -11.24 -3.19
N ILE A 142 9.60 -11.35 -2.88
CA ILE A 142 10.30 -12.63 -2.95
C ILE A 142 10.27 -13.37 -1.60
N ASN A 143 9.63 -14.52 -1.60
CA ASN A 143 9.36 -15.30 -0.40
C ASN A 143 8.92 -14.50 0.82
N PRO A 144 7.68 -14.03 0.79
CA PRO A 144 7.24 -13.28 1.95
C PRO A 144 6.88 -14.16 3.16
N HIS A 145 7.12 -13.67 4.37
CA HIS A 145 6.77 -14.40 5.58
C HIS A 145 5.24 -14.58 5.72
N PRO A 146 4.79 -15.74 6.18
CA PRO A 146 3.35 -15.95 6.38
C PRO A 146 2.78 -15.15 7.55
N LEU A 147 3.66 -14.52 8.33
CA LEU A 147 3.20 -13.66 9.43
C LEU A 147 3.08 -12.17 9.09
N PHE A 148 3.39 -11.77 7.85
CA PHE A 148 3.21 -10.37 7.46
C PHE A 148 1.86 -9.81 7.92
N VAL A 149 0.77 -10.47 7.55
CA VAL A 149 -0.55 -9.98 7.89
C VAL A 149 -0.81 -9.97 9.38
N PRO A 150 -0.48 -11.08 10.08
CA PRO A 150 -0.62 -10.97 11.53
C PRO A 150 0.19 -9.87 12.17
N TRP A 151 1.43 -9.68 11.74
CA TRP A 151 2.26 -8.64 12.29
C TRP A 151 1.71 -7.24 12.07
N LEU A 152 1.14 -7.00 10.88
CA LEU A 152 0.51 -5.71 10.51
C LEU A 152 -0.83 -5.39 11.18
N VAL A 153 -1.66 -6.40 11.44
CA VAL A 153 -2.98 -6.09 11.97
C VAL A 153 -2.89 -5.96 13.48
N GLY A 154 -1.77 -6.41 14.05
CA GLY A 154 -1.60 -6.41 15.48
C GLY A 154 -1.99 -5.10 16.14
N PRO A 155 -1.35 -3.99 15.74
CA PRO A 155 -1.63 -2.70 16.38
C PRO A 155 -3.06 -2.22 16.14
N LEU A 156 -3.68 -2.61 15.03
CA LEU A 156 -5.05 -2.20 14.79
C LEU A 156 -6.00 -2.93 15.72
N LEU A 157 -5.62 -4.14 16.12
CA LEU A 157 -6.52 -5.01 16.85
C LEU A 157 -6.41 -4.77 18.35
N THR A 158 -5.19 -4.56 18.80
CA THR A 158 -4.92 -4.55 20.23
C THR A 158 -4.52 -3.17 20.72
N GLY A 159 -4.40 -2.20 19.82
CA GLY A 159 -4.00 -0.89 20.25
C GLY A 159 -5.26 -0.08 20.51
N GLU A 160 -5.09 1.20 20.79
CA GLU A 160 -6.21 2.13 20.68
C GLU A 160 -5.85 3.35 19.86
N GLY A 161 -6.74 3.68 18.95
CA GLY A 161 -6.61 4.86 18.12
C GLY A 161 -5.65 4.69 16.96
N ILE A 162 -4.98 3.55 16.90
CA ILE A 162 -4.14 3.27 15.76
C ILE A 162 -5.12 3.00 14.62
N GLN A 163 -4.94 3.71 13.50
CA GLN A 163 -5.76 3.50 12.32
C GLN A 163 -4.91 3.10 11.12
N LEU A 164 -3.60 3.26 11.25
CA LEU A 164 -2.67 2.99 10.17
C LEU A 164 -1.39 2.35 10.70
N VAL A 165 -0.98 1.26 10.04
CA VAL A 165 0.28 0.57 10.36
C VAL A 165 1.19 0.40 9.13
N LYS A 166 2.40 0.95 9.19
CA LYS A 166 3.38 0.82 8.11
C LYS A 166 4.38 -0.26 8.45
N SER A 167 4.95 -0.92 7.44
CA SER A 167 5.99 -1.91 7.69
C SER A 167 7.30 -1.18 7.58
N PHE A 168 8.35 -1.76 8.15
CA PHE A 168 9.71 -1.42 7.78
C PHE A 168 10.60 -2.66 7.74
N TYR A 169 11.85 -2.50 7.33
CA TYR A 169 12.73 -3.62 6.96
C TYR A 169 14.13 -3.11 6.78
N ARG A 170 15.09 -4.03 6.88
CA ARG A 170 16.47 -3.78 6.53
C ARG A 170 16.73 -4.03 5.04
N GLY A 188 16.20 0.86 -0.68
CA GLY A 188 15.30 2.00 -0.69
C GLY A 188 15.89 3.22 -1.34
N ARG A 189 16.28 3.12 -2.61
CA ARG A 189 16.81 4.28 -3.30
C ARG A 189 15.83 5.48 -3.39
N VAL A 190 14.60 5.23 -3.79
CA VAL A 190 13.63 6.32 -3.88
C VAL A 190 13.34 6.77 -2.47
N THR A 191 13.22 5.79 -1.59
CA THR A 191 12.90 6.00 -0.18
C THR A 191 13.98 6.84 0.48
N GLU A 192 15.23 6.46 0.30
CA GLU A 192 16.29 7.09 1.04
C GLU A 192 16.78 8.39 0.42
N LEU A 193 16.62 8.52 -0.90
CA LEU A 193 17.07 9.72 -1.60
C LEU A 193 15.97 10.73 -1.84
N VAL A 194 14.73 10.27 -1.97
CA VAL A 194 13.64 11.17 -2.32
C VAL A 194 12.68 11.37 -1.17
N ALA A 195 12.01 10.30 -0.75
CA ALA A 195 10.91 10.47 0.19
C ALA A 195 11.33 10.88 1.60
N ARG A 196 12.29 10.21 2.21
CA ARG A 196 12.69 10.57 3.58
C ARG A 196 13.33 11.97 3.66
N PRO A 197 14.24 12.30 2.72
CA PRO A 197 14.79 13.66 2.73
C PRO A 197 13.75 14.74 2.43
N LEU A 198 12.80 14.48 1.55
CA LEU A 198 11.72 15.44 1.33
C LEU A 198 10.80 15.62 2.52
N LEU A 199 10.53 14.53 3.22
CA LEU A 199 9.78 14.58 4.46
C LEU A 199 10.53 15.37 5.48
N ALA A 200 11.84 15.20 5.52
CA ALA A 200 12.61 15.94 6.50
C ALA A 200 12.47 17.43 6.21
N ALA A 201 12.46 17.77 4.92
CA ALA A 201 12.31 19.16 4.51
C ALA A 201 10.95 19.72 4.83
N LEU A 202 9.89 18.95 4.64
CA LEU A 202 8.56 19.52 4.58
C LEU A 202 7.58 18.97 5.61
N ARG A 203 7.82 17.80 6.19
CA ARG A 203 7.00 17.28 7.28
C ARG A 203 7.90 16.54 8.25
N PRO A 204 8.81 17.25 8.89
CA PRO A 204 9.85 16.60 9.71
C PRO A 204 9.27 15.75 10.84
N GLU A 205 8.01 16.00 11.21
CA GLU A 205 7.36 15.18 12.24
C GLU A 205 7.28 13.73 11.81
N LEU A 206 7.34 13.49 10.52
CA LEU A 206 7.30 12.16 9.97
C LEU A 206 8.70 11.59 9.70
N GLY A 207 9.73 12.27 10.20
CA GLY A 207 11.08 11.78 10.01
C GLY A 207 11.33 10.42 10.64
N CYS A 208 10.47 10.06 11.60
CA CYS A 208 10.67 8.80 12.31
C CYS A 208 10.06 7.62 11.58
N VAL A 209 9.39 7.86 10.46
CA VAL A 209 8.79 6.78 9.69
C VAL A 209 9.94 6.22 8.86
N LEU A 210 10.29 4.94 9.07
CA LEU A 210 11.47 4.39 8.43
C LEU A 210 11.28 3.97 6.98
N GLN A 211 10.08 3.52 6.64
CA GLN A 211 9.77 3.08 5.28
C GLN A 211 8.42 3.67 4.84
N PRO A 212 8.38 4.98 4.61
CA PRO A 212 7.16 5.70 4.22
C PRO A 212 6.56 5.18 2.92
N LEU A 213 7.41 4.64 2.06
CA LEU A 213 6.98 4.12 0.76
C LEU A 213 6.62 2.63 0.81
N SER A 214 6.64 2.03 1.99
CA SER A 214 6.40 0.60 2.04
C SER A 214 5.07 0.17 1.46
N GLY A 215 5.11 -0.82 0.58
CA GLY A 215 3.91 -1.39 0.01
C GLY A 215 3.12 -2.32 0.92
N GLU A 216 3.68 -2.64 2.08
CA GLU A 216 2.98 -3.50 3.03
C GLU A 216 2.45 -2.71 4.19
N TYR A 217 1.14 -2.60 4.29
CA TYR A 217 0.53 -1.85 5.39
C TYR A 217 -0.94 -2.19 5.54
N ALA A 218 -1.50 -1.79 6.69
CA ALA A 218 -2.92 -2.03 6.97
C ALA A 218 -3.53 -0.76 7.57
N ALA A 219 -4.84 -0.60 7.40
CA ALA A 219 -5.51 0.57 7.92
C ALA A 219 -7.01 0.28 8.05
N SER A 220 -7.70 1.08 8.85
CA SER A 220 -9.15 0.94 8.96
C SER A 220 -9.85 1.39 7.68
N ARG A 221 -10.94 0.73 7.32
CA ARG A 221 -11.76 1.17 6.20
C ARG A 221 -12.25 2.60 6.43
N GLU A 222 -12.58 2.92 7.68
CA GLU A 222 -13.11 4.24 8.00
C GLU A 222 -12.10 5.28 7.60
N LEU A 223 -10.83 5.03 7.93
CA LEU A 223 -9.78 5.93 7.47
C LEU A 223 -9.64 5.94 5.95
N LEU A 224 -9.50 4.76 5.35
CA LEU A 224 -9.21 4.69 3.93
C LEU A 224 -10.30 5.27 3.05
N THR A 225 -11.56 5.04 3.39
CA THR A 225 -12.63 5.59 2.55
C THR A 225 -12.86 7.10 2.82
N SER A 226 -12.13 7.63 3.79
CA SER A 226 -12.19 9.05 4.13
C SER A 226 -11.06 9.83 3.52
N LEU A 227 -10.09 9.14 2.92
CA LEU A 227 -8.94 9.84 2.36
C LEU A 227 -8.97 9.77 0.85
N PRO A 228 -8.51 10.85 0.21
CA PRO A 228 -8.31 10.77 -1.23
C PRO A 228 -7.16 9.81 -1.54
N PHE A 229 -7.05 9.35 -2.79
CA PHE A 229 -5.95 8.46 -3.18
C PHE A 229 -5.16 9.07 -4.32
N ALA A 230 -3.87 9.29 -4.07
CA ALA A 230 -2.99 9.82 -5.09
C ALA A 230 -2.81 8.84 -6.24
N PRO A 231 -2.52 9.35 -7.45
CA PRO A 231 -2.43 8.43 -8.59
C PRO A 231 -1.07 7.72 -8.64
N GLY A 232 -0.98 6.59 -9.33
CA GLY A 232 0.32 6.03 -9.65
C GLY A 232 1.05 5.62 -8.38
N TYR A 233 2.37 5.81 -8.37
CA TYR A 233 3.18 5.56 -7.18
C TYR A 233 3.09 6.63 -6.07
N GLY A 234 2.15 7.57 -6.18
CA GLY A 234 2.05 8.60 -5.16
C GLY A 234 1.22 8.14 -3.98
N VAL A 235 0.55 7.01 -4.12
CA VAL A 235 -0.50 6.60 -3.21
C VAL A 235 0.03 6.40 -1.78
N GLU A 236 1.17 5.78 -1.56
CA GLU A 236 1.62 5.59 -0.17
C GLU A 236 1.94 6.86 0.56
N ILE A 237 2.74 7.70 -0.06
CA ILE A 237 3.17 8.93 0.59
C ILE A 237 1.95 9.86 0.86
N GLY A 238 0.98 9.85 -0.04
CA GLY A 238 -0.22 10.65 0.14
C GLY A 238 -1.03 10.20 1.34
N LEU A 239 -1.16 8.88 1.48
CA LEU A 239 -1.89 8.30 2.58
C LEU A 239 -1.22 8.59 3.89
N LEU A 240 0.10 8.51 3.91
CA LEU A 240 0.82 8.78 5.13
C LEU A 240 0.67 10.24 5.57
N ILE A 241 0.89 11.17 4.64
CA ILE A 241 0.74 12.58 4.96
C ILE A 241 -0.68 12.94 5.29
N ASP A 242 -1.65 12.44 4.54
CA ASP A 242 -3.04 12.72 4.84
C ASP A 242 -3.46 12.17 6.18
N THR A 243 -3.04 10.97 6.49
CA THR A 243 -3.36 10.37 7.78
C THR A 243 -2.80 11.19 8.92
N PHE A 244 -1.52 11.53 8.82
CA PHE A 244 -0.88 12.33 9.85
C PHE A 244 -1.53 13.68 10.05
N ASP A 245 -1.78 14.39 8.96
CA ASP A 245 -2.35 15.74 9.04
C ASP A 245 -3.71 15.66 9.71
N ARG A 246 -4.44 14.59 9.44
CA ARG A 246 -5.77 14.46 9.96
C ARG A 246 -5.85 13.84 11.38
N LEU A 247 -4.98 12.90 11.76
CA LEU A 247 -5.08 12.20 13.06
C LEU A 247 -3.85 12.32 13.96
N GLY A 248 -2.77 12.85 13.41
CA GLY A 248 -1.47 12.92 14.07
C GLY A 248 -0.77 11.57 14.21
N LEU A 249 0.45 11.59 14.75
CA LEU A 249 1.29 10.39 14.82
C LEU A 249 0.67 9.24 15.63
N ASP A 250 -0.13 9.61 16.61
CA ASP A 250 -0.65 8.65 17.58
C ASP A 250 -1.59 7.70 16.91
N ALA A 251 -2.01 8.05 15.69
CA ALA A 251 -2.91 7.19 14.96
C ALA A 251 -2.11 6.23 14.08
N ILE A 252 -0.78 6.39 14.08
CA ILE A 252 0.10 5.61 13.20
C ILE A 252 1.07 4.70 13.97
N ALA A 253 1.20 3.44 13.54
CA ALA A 253 2.24 2.55 14.09
C ALA A 253 3.09 1.99 12.97
N GLN A 254 4.25 1.44 13.32
CA GLN A 254 5.04 0.73 12.33
C GLN A 254 5.61 -0.52 12.94
N VAL A 255 5.64 -1.57 12.13
CA VAL A 255 6.08 -2.89 12.53
C VAL A 255 7.20 -3.42 11.65
N ASN A 256 8.21 -4.03 12.27
CA ASN A 256 9.32 -4.66 11.55
C ASN A 256 8.91 -5.97 10.89
N LEU A 257 9.10 -6.07 9.59
CA LEU A 257 8.80 -7.28 8.83
C LEU A 257 10.10 -8.02 8.50
N GLY A 258 11.20 -7.49 9.04
CA GLY A 258 12.50 -8.08 8.89
C GLY A 258 13.34 -7.69 7.70
N VAL A 259 13.38 -8.53 6.70
CA VAL A 259 14.18 -8.27 5.51
C VAL A 259 13.24 -8.34 4.32
N ARG A 260 13.51 -7.50 3.31
CA ARG A 260 12.69 -7.56 2.11
C ARG A 260 13.44 -7.57 0.83
N ALA A 261 12.89 -8.38 -0.07
CA ALA A 261 13.37 -8.56 -1.41
C ALA A 261 12.23 -8.32 -2.35
N HIS A 262 12.52 -7.74 -3.50
CA HIS A 262 11.46 -7.61 -4.50
C HIS A 262 12.12 -7.35 -5.82
N ARG A 263 11.29 -7.21 -6.85
CA ARG A 263 11.74 -6.82 -8.17
CA ARG A 263 11.79 -6.85 -8.18
C ARG A 263 12.61 -5.58 -8.12
N ASN A 264 13.82 -5.64 -8.67
CA ASN A 264 14.57 -4.42 -8.89
C ASN A 264 14.45 -3.82 -10.25
N ARG A 265 13.70 -2.73 -10.25
CA ARG A 265 13.41 -1.95 -11.43
C ARG A 265 14.61 -1.15 -11.94
N PRO A 266 14.63 -0.85 -13.24
CA PRO A 266 15.69 0.00 -13.81
C PRO A 266 15.61 1.46 -13.32
N LEU A 267 16.75 2.17 -13.32
CA LEU A 267 16.82 3.52 -12.75
C LEU A 267 15.80 4.50 -13.37
N ASP A 268 15.54 4.34 -14.66
CA ASP A 268 14.67 5.26 -15.37
C ASP A 268 13.22 5.13 -14.91
N GLU A 269 12.78 3.90 -14.63
CA GLU A 269 11.44 3.69 -14.09
C GLU A 269 11.29 4.28 -12.67
N LEU A 270 12.38 4.21 -11.91
CA LEU A 270 12.42 4.80 -10.58
C LEU A 270 12.37 6.30 -10.67
N GLY A 271 12.88 6.83 -11.77
CA GLY A 271 12.96 8.27 -11.96
C GLY A 271 11.53 8.75 -12.04
N ALA A 272 10.75 8.03 -12.83
CA ALA A 272 9.35 8.31 -13.05
C ALA A 272 8.57 8.11 -11.77
N MET A 273 8.96 7.15 -10.97
CA MET A 273 8.23 6.87 -9.74
C MET A 273 8.46 8.04 -8.80
N SER A 274 9.72 8.44 -8.70
CA SER A 274 10.15 9.54 -7.89
C SER A 274 9.46 10.84 -8.28
N ARG A 275 9.35 11.09 -9.58
CA ARG A 275 8.62 12.24 -10.05
C ARG A 275 7.19 12.30 -9.50
N GLN A 276 6.50 11.17 -9.46
CA GLN A 276 5.12 11.13 -9.00
C GLN A 276 5.06 11.25 -7.49
N VAL A 277 6.07 10.71 -6.82
CA VAL A 277 6.13 10.81 -5.37
C VAL A 277 6.29 12.27 -4.97
N ILE A 278 7.17 12.96 -5.68
CA ILE A 278 7.40 14.37 -5.50
C ILE A 278 6.11 15.17 -5.77
N ALA A 279 5.42 14.85 -6.87
CA ALA A 279 4.21 15.56 -7.21
C ALA A 279 3.17 15.45 -6.10
N THR A 280 3.02 14.27 -5.54
CA THR A 280 2.03 14.05 -4.50
C THR A 280 2.46 14.72 -3.20
N LEU A 281 3.74 14.63 -2.88
CA LEU A 281 4.25 15.19 -1.64
C LEU A 281 4.17 16.71 -1.67
N LEU A 282 4.58 17.31 -2.79
CA LEU A 282 4.48 18.75 -2.90
C LEU A 282 3.01 19.21 -2.73
N SER A 283 2.08 18.51 -3.35
CA SER A 283 0.66 18.86 -3.26
C SER A 283 0.12 18.80 -1.85
N ARG A 284 0.49 17.77 -1.13
CA ARG A 284 0.01 17.66 0.24
C ARG A 284 0.58 18.82 1.07
N CYS A 285 1.73 19.34 0.67
CA CYS A 285 2.35 20.45 1.41
C CYS A 285 1.97 21.83 0.91
N GLY A 286 0.96 21.90 0.05
CA GLY A 286 0.48 23.19 -0.42
C GLY A 286 1.39 23.81 -1.44
N ILE A 287 2.21 22.99 -2.09
CA ILE A 287 3.16 23.52 -3.05
C ILE A 287 2.73 23.18 -4.47
N PRO A 288 2.67 24.20 -5.35
CA PRO A 288 2.20 23.98 -6.72
C PRO A 288 3.21 23.22 -7.54
N ASP A 289 2.75 22.17 -8.21
CA ASP A 289 3.62 21.34 -9.02
C ASP A 289 3.36 21.75 -10.45
N SER A 290 4.40 21.76 -11.27
CA SER A 290 4.29 22.19 -12.65
C SER A 290 3.36 21.28 -13.47
N GLY A 291 3.16 20.04 -13.01
CA GLY A 291 2.47 19.05 -13.81
C GLY A 291 3.29 18.51 -14.97
N VAL A 292 4.53 18.95 -15.10
CA VAL A 292 5.38 18.47 -16.19
C VAL A 292 6.08 17.15 -15.89
N GLY A 293 5.90 16.19 -16.79
CA GLY A 293 6.51 14.89 -16.67
C GLY A 293 8.01 15.01 -16.77
N LEU A 294 8.69 14.06 -16.13
CA LEU A 294 10.13 13.95 -16.16
C LEU A 294 10.53 13.58 -17.56
N THR A 295 11.51 14.27 -18.14
CA THR A 295 12.05 13.78 -19.40
C THR A 295 13.45 13.15 -19.28
N GLN A 296 13.69 12.09 -20.05
CA GLN A 296 14.98 11.41 -20.04
C GLN A 296 15.58 11.29 -21.43
N PHE A 297 16.90 11.39 -21.52
CA PHE A 297 17.61 11.27 -22.78
C PHE A 297 18.48 10.00 -22.88
N LEU A 298 18.10 9.05 -23.73
CA LEU A 298 18.78 7.75 -23.81
C LEU A 298 19.82 7.74 -24.93
N THR A 308 16.78 8.64 -27.59
CA THR A 308 16.44 10.05 -27.75
C THR A 308 15.57 10.52 -26.57
N ARG A 309 14.62 11.44 -26.81
CA ARG A 309 13.84 12.00 -25.72
C ARG A 309 12.62 11.15 -25.38
N HIS A 310 12.32 11.07 -24.09
CA HIS A 310 11.12 10.37 -23.62
C HIS A 310 10.55 11.13 -22.41
N THR A 311 9.24 11.32 -22.40
CA THR A 311 8.56 11.98 -21.30
C THR A 311 7.65 11.00 -20.57
N TRP A 312 7.80 10.88 -19.26
CA TRP A 312 6.97 9.95 -18.51
C TRP A 312 5.74 10.67 -17.98
N PRO A 313 4.61 9.94 -17.90
CA PRO A 313 3.43 10.64 -17.37
C PRO A 313 3.52 10.92 -15.88
N VAL A 314 3.01 12.08 -15.49
CA VAL A 314 2.77 12.39 -14.09
C VAL A 314 1.34 12.92 -14.00
N SER A 315 0.71 12.70 -12.85
CA SER A 315 -0.67 13.07 -12.64
C SER A 315 -0.78 13.89 -11.39
N LEU A 316 -1.54 14.99 -11.47
CA LEU A 316 -1.81 15.80 -10.31
C LEU A 316 -3.23 15.56 -9.84
N VAL A 317 -3.84 14.49 -10.31
CA VAL A 317 -5.22 14.23 -9.93
C VAL A 317 -5.42 13.07 -8.96
N ASP A 318 -5.90 13.39 -7.77
CA ASP A 318 -6.21 12.39 -6.77
C ASP A 318 -7.60 11.84 -7.06
N ARG A 319 -7.86 10.61 -6.62
CA ARG A 319 -9.22 10.10 -6.49
C ARG A 319 -9.80 10.60 -5.20
N PRO A 320 -11.11 10.91 -5.22
CA PRO A 320 -11.70 11.41 -3.97
C PRO A 320 -11.91 10.27 -3.00
N PRO A 321 -12.15 10.61 -1.73
CA PRO A 321 -12.54 9.60 -0.74
C PRO A 321 -13.63 8.72 -1.30
N MET A 322 -13.45 7.42 -1.16
CA MET A 322 -14.34 6.46 -1.77
C MET A 322 -15.74 6.65 -1.20
N LYS A 323 -15.83 7.17 0.02
CA LYS A 323 -17.13 7.57 0.58
C LYS A 323 -18.09 8.31 -0.37
N VAL A 324 -17.59 9.25 -1.18
CA VAL A 324 -18.49 9.99 -2.08
C VAL A 324 -19.13 9.07 -3.11
N MET A 325 -18.60 7.86 -3.29
CA MET A 325 -19.13 6.95 -4.28
C MET A 325 -20.28 6.12 -3.70
N ARG A 326 -20.57 6.33 -2.42
CA ARG A 326 -21.59 5.56 -1.69
C ARG A 326 -23.02 5.80 -2.16
MN MN B . 8.60 -3.69 -5.90
O1 G3P C . 11.86 2.13 -2.15
C1 G3P C . 11.51 0.77 -1.94
C2 G3P C . 12.72 -0.15 -1.73
O2 G3P C . 12.29 -1.41 -1.24
C3 G3P C . 13.47 -0.27 -3.07
O1P G3P C . 14.89 -0.17 -3.08
O4P G3P C . 16.94 -1.39 -4.09
O2P G3P C . 16.15 0.67 -5.15
O3P G3P C . 14.82 -1.36 -5.37
P G3P C . 15.71 -0.57 -4.43
N1 UPG D . 1.33 -2.23 -9.25
C2 UPG D . 0.04 -2.19 -9.79
N3 UPG D . -0.26 -1.30 -10.76
C4 UPG D . 0.64 -0.46 -11.24
C5 UPG D . 1.93 -0.47 -10.72
C6 UPG D . 2.25 -1.37 -9.72
O2 UPG D . -0.83 -2.98 -9.36
O4 UPG D . 0.32 0.36 -12.14
C1C UPG D . 1.66 -3.19 -8.19
C2C UPG D . 2.80 -4.15 -8.57
O2C UPG D . 2.37 -5.39 -9.14
C3C UPG D . 3.50 -4.38 -7.26
C4C UPG D . 3.12 -3.20 -6.39
O4C UPG D . 2.08 -2.49 -7.05
O3C UPG D . 3.03 -5.57 -6.64
C5C UPG D . 4.28 -2.26 -6.17
O5C UPG D . 4.76 -1.87 -7.45
PA UPG D . 6.33 -1.82 -7.71
O1A UPG D . 6.95 -3.11 -7.23
O2A UPG D . 6.57 -1.57 -9.18
O3A UPG D . 6.78 -0.58 -6.80
PB UPG D . 8.19 -0.35 -6.07
O1B UPG D . 9.30 0.05 -7.01
O2B UPG D . 8.58 -1.47 -5.14
O3B UPG D . 7.77 0.95 -5.21
C1' UPG D . 7.86 1.06 -3.80
C2' UPG D . 6.81 0.19 -3.09
C3' UPG D . 5.47 0.43 -3.77
C4' UPG D . 5.15 1.91 -3.64
C5' UPG D . 6.29 2.78 -4.16
C6' UPG D . 5.99 4.26 -3.91
O2' UPG D . 7.18 -1.20 -3.11
O3' UPG D . 4.46 -0.36 -3.15
O4' UPG D . 3.98 2.26 -4.35
O5' UPG D . 7.53 2.41 -3.55
O6' UPG D . 5.34 4.40 -2.64
#